data_3AXS
#
_entry.id   3AXS
#
_cell.length_a   54.438
_cell.length_b   140.928
_cell.length_c   119.038
_cell.angle_alpha   90.00
_cell.angle_beta   90.00
_cell.angle_gamma   90.00
#
_symmetry.space_group_name_H-M   'C 2 2 21'
#
loop_
_entity.id
_entity.type
_entity.pdbx_description
1 polymer 'Probable N(2),N(2)-dimethylguanosine tRNA methyltransferase Trm1'
2 non-polymer 'ZINC ION'
3 non-polymer SINEFUNGIN
4 non-polymer 'SULFATE ION'
5 water water
#
_entity_poly.entity_id   1
_entity_poly.type   'polypeptide(L)'
_entity_poly.pdbx_seq_one_letter_code
;MEIVQEGIAKIIVPEIPKTVSSDMPVFYNPRMRVNRDLAVLGLEYLCKKLGRPVKVADPLSASGIRAIRFLLETSCVEKA
YANDISSKAIEIMKENFKLNNIPEDRYEIHGMEANFFLRKEWGFGFDYVDLDPFGTPVPFIESVALSMKRGGILSLTATD
TAPLSGTYPKTCMRRYMARPLRNEFKHEVGIRILIKKVIELAAQYDIAMIPIFAYSHLHYFKLFFVKERGVEKVDKLIEQ
FGYIQYCFNCMNREVVTDLYKFKEKCPHCGSKFHIGGPLWIGKLWDEEFTNFLYEEAQKREEIEKETKRILKLIKEESQL
QTVGFYVLSKLAEKVKLPAQPPIRIAVKFFNGVRTHFVGDGFRTNLSFEEVMKKMEELKEKQKEFLEKKKQG
;
_entity_poly.pdbx_strand_id   A
#
loop_
_chem_comp.id
_chem_comp.type
_chem_comp.name
_chem_comp.formula
SFG non-polymer SINEFUNGIN 'C15 H23 N7 O5'
SO4 non-polymer 'SULFATE ION' 'O4 S -2'
ZN non-polymer 'ZINC ION' 'Zn 2'
#
# COMPACT_ATOMS: atom_id res chain seq x y z
N MET A 1 21.96 1.95 22.04
CA MET A 1 22.50 3.30 21.88
C MET A 1 21.47 4.36 22.24
N GLU A 2 20.20 4.08 21.94
CA GLU A 2 19.12 5.02 22.20
C GLU A 2 17.80 4.33 22.47
N ILE A 3 17.06 4.83 23.46
CA ILE A 3 15.75 4.28 23.79
C ILE A 3 14.62 5.11 23.20
N VAL A 4 13.69 4.43 22.53
CA VAL A 4 12.56 5.13 21.91
C VAL A 4 11.24 4.45 22.26
N GLN A 5 10.16 5.21 22.22
CA GLN A 5 8.84 4.65 22.42
C GLN A 5 7.99 4.82 21.16
N GLU A 6 7.33 3.75 20.77
CA GLU A 6 6.33 3.79 19.70
C GLU A 6 5.12 3.00 20.12
N GLY A 7 3.97 3.66 20.18
CA GLY A 7 2.77 3.05 20.70
C GLY A 7 2.99 2.67 22.15
N ILE A 8 2.80 1.39 22.46
CA ILE A 8 2.99 0.91 23.83
C ILE A 8 4.40 0.35 24.01
N ALA A 9 5.10 0.14 22.91
CA ALA A 9 6.42 -0.49 22.94
C ALA A 9 7.55 0.47 23.32
N LYS A 10 8.53 -0.06 24.05
CA LYS A 10 9.78 0.62 24.30
C LYS A 10 10.91 -0.23 23.75
N ILE A 11 11.78 0.37 22.94
CA ILE A 11 12.87 -0.38 22.32
C ILE A 11 14.22 0.35 22.33
N ILE A 12 15.28 -0.45 22.34
CA ILE A 12 16.63 0.05 22.21
C ILE A 12 17.04 -0.05 20.75
N VAL A 13 17.50 1.05 20.18
CA VAL A 13 17.92 1.08 18.78
C VAL A 13 19.16 1.97 18.64
N PRO A 14 19.97 1.72 17.60
CA PRO A 14 21.10 2.60 17.33
C PRO A 14 20.60 4.02 17.06
N GLU A 15 21.38 5.01 17.46
CA GLU A 15 21.04 6.40 17.20
C GLU A 15 20.87 6.60 15.70
N ILE A 16 19.87 7.39 15.31
CA ILE A 16 19.64 7.66 13.90
C ILE A 16 19.91 9.13 13.57
N PRO A 17 20.22 9.41 12.30
CA PRO A 17 20.57 10.77 11.85
C PRO A 17 19.54 11.81 12.24
N LYS A 18 19.98 13.06 12.35
CA LYS A 18 19.12 14.20 12.68
C LYS A 18 17.84 14.21 11.84
N THR A 19 17.99 13.92 10.56
CA THR A 19 16.84 13.80 9.66
C THR A 19 17.00 12.55 8.80
N VAL A 20 15.87 11.91 8.49
CA VAL A 20 15.88 10.69 7.69
C VAL A 20 14.79 10.73 6.64
N SER A 21 14.97 9.92 5.59
CA SER A 21 13.95 9.77 4.57
C SER A 21 12.89 8.77 5.05
N SER A 22 11.76 8.73 4.38
CA SER A 22 10.68 7.81 4.75
C SER A 22 11.13 6.35 4.60
N ASP A 23 12.09 6.12 3.70
CA ASP A 23 12.57 4.77 3.41
C ASP A 23 14.01 4.58 3.87
N MET A 24 14.42 5.39 4.85
CA MET A 24 15.80 5.39 5.33
C MET A 24 16.22 3.99 5.80
N PRO A 25 17.30 3.47 5.21
CA PRO A 25 17.79 2.13 5.57
C PRO A 25 18.57 2.12 6.87
N VAL A 26 17.91 2.47 7.98
CA VAL A 26 18.51 2.36 9.30
C VAL A 26 17.82 1.25 10.09
N PHE A 27 18.44 0.84 11.19
CA PHE A 27 17.90 -0.27 11.98
C PHE A 27 16.44 -0.02 12.36
N TYR A 28 16.17 1.16 12.90
CA TYR A 28 14.82 1.56 13.22
C TYR A 28 14.52 2.95 12.69
N ASN A 29 13.44 3.06 11.92
CA ASN A 29 13.05 4.34 11.32
C ASN A 29 11.70 4.78 11.85
N PRO A 30 11.67 5.84 12.68
CA PRO A 30 10.45 6.34 13.31
C PRO A 30 9.46 6.89 12.29
N ARG A 31 9.95 7.21 11.10
CA ARG A 31 9.08 7.72 10.04
C ARG A 31 8.19 6.63 9.45
N MET A 32 8.44 5.39 9.84
CA MET A 32 7.62 4.27 9.41
C MET A 32 6.49 4.01 10.41
N ARG A 33 6.34 4.94 11.35
CA ARG A 33 5.33 4.82 12.40
C ARG A 33 3.94 4.56 11.85
N VAL A 34 3.54 5.33 10.83
CA VAL A 34 2.23 5.15 10.21
C VAL A 34 2.08 3.75 9.64
N ASN A 35 3.15 3.26 9.02
CA ASN A 35 3.17 1.92 8.46
C ASN A 35 2.87 0.88 9.54
N ARG A 36 3.58 0.97 10.66
CA ARG A 36 3.42 0.02 11.75
C ARG A 36 2.07 0.15 12.47
N ASP A 37 1.55 1.38 12.56
CA ASP A 37 0.21 1.61 13.09
C ASP A 37 -0.79 0.82 12.27
N LEU A 38 -0.67 0.94 10.95
CA LEU A 38 -1.57 0.25 10.04
C LEU A 38 -1.47 -1.26 10.24
N ALA A 39 -0.25 -1.76 10.36
CA ALA A 39 -0.02 -3.18 10.56
C ALA A 39 -0.70 -3.69 11.83
N VAL A 40 -0.61 -2.88 12.89
CA VAL A 40 -1.25 -3.25 14.15
C VAL A 40 -2.77 -3.30 13.99
N LEU A 41 -3.31 -2.28 13.33
CA LEU A 41 -4.76 -2.22 13.12
C LEU A 41 -5.24 -3.38 12.26
N GLY A 42 -4.44 -3.75 11.27
CA GLY A 42 -4.78 -4.85 10.39
C GLY A 42 -4.83 -6.17 11.14
N LEU A 43 -3.96 -6.32 12.13
CA LEU A 43 -3.94 -7.53 12.92
C LEU A 43 -5.16 -7.59 13.84
N GLU A 44 -5.51 -6.46 14.45
CA GLU A 44 -6.68 -6.41 15.32
C GLU A 44 -7.93 -6.77 14.55
N TYR A 45 -7.97 -6.33 13.29
CA TYR A 45 -9.07 -6.72 12.40
C TYR A 45 -9.21 -8.23 12.39
N LEU A 46 -8.10 -8.91 12.15
CA LEU A 46 -8.10 -10.37 12.09
C LEU A 46 -8.50 -10.96 13.42
N CYS A 47 -8.06 -10.32 14.50
CA CYS A 47 -8.43 -10.76 15.84
C CYS A 47 -9.94 -10.80 15.99
N LYS A 48 -10.61 -9.73 15.55
CA LYS A 48 -12.06 -9.64 15.66
C LYS A 48 -12.77 -10.58 14.69
N LYS A 49 -12.16 -10.81 13.54
CA LYS A 49 -12.77 -11.65 12.51
C LYS A 49 -12.71 -13.13 12.88
N LEU A 50 -11.55 -13.58 13.33
CA LEU A 50 -11.35 -14.99 13.66
C LEU A 50 -11.82 -15.34 15.06
N GLY A 51 -11.76 -14.36 15.97
CA GLY A 51 -12.21 -14.57 17.33
C GLY A 51 -11.46 -15.66 18.09
N ARG A 52 -10.23 -15.92 17.67
CA ARG A 52 -9.39 -16.93 18.32
C ARG A 52 -7.94 -16.46 18.38
N PRO A 53 -7.09 -17.21 19.10
CA PRO A 53 -5.65 -16.89 19.14
C PRO A 53 -4.98 -17.15 17.79
N VAL A 54 -4.15 -16.21 17.33
CA VAL A 54 -3.50 -16.34 16.04
C VAL A 54 -1.98 -16.41 16.19
N LYS A 55 -1.33 -17.01 15.20
CA LYS A 55 0.12 -17.02 15.14
C LYS A 55 0.58 -16.05 14.05
N VAL A 56 1.50 -15.15 14.41
CA VAL A 56 1.94 -14.12 13.48
C VAL A 56 3.43 -14.22 13.18
N ALA A 57 3.80 -13.83 11.96
CA ALA A 57 5.20 -13.90 11.54
C ALA A 57 5.77 -12.52 11.21
N ASP A 58 6.99 -12.27 11.67
CA ASP A 58 7.71 -11.05 11.37
C ASP A 58 9.07 -11.44 10.82
N PRO A 59 9.11 -11.87 9.54
CA PRO A 59 10.30 -12.47 8.91
C PRO A 59 11.48 -11.51 8.74
N LEU A 60 11.21 -10.21 8.70
CA LEU A 60 12.26 -9.21 8.60
C LEU A 60 12.09 -8.22 9.75
N SER A 61 12.57 -8.61 10.93
CA SER A 61 12.13 -7.99 12.17
C SER A 61 12.97 -6.82 12.69
N ALA A 62 14.28 -6.87 12.43
CA ALA A 62 15.19 -5.83 12.91
C ALA A 62 15.13 -5.67 14.44
N SER A 63 14.57 -4.55 14.90
CA SER A 63 14.51 -4.28 16.34
C SER A 63 13.48 -5.17 17.04
N GLY A 64 12.57 -5.73 16.26
CA GLY A 64 11.50 -6.58 16.79
C GLY A 64 10.24 -5.77 17.06
N ILE A 65 10.28 -4.50 16.65
CA ILE A 65 9.22 -3.56 16.98
C ILE A 65 7.82 -4.00 16.52
N ARG A 66 7.71 -4.55 15.32
CA ARG A 66 6.39 -4.97 14.83
C ARG A 66 5.84 -6.14 15.63
N ALA A 67 6.62 -7.21 15.76
CA ALA A 67 6.20 -8.37 16.55
C ALA A 67 5.80 -7.94 17.96
N ILE A 68 6.59 -7.05 18.55
CA ILE A 68 6.37 -6.58 19.90
C ILE A 68 5.05 -5.80 20.02
N ARG A 69 4.84 -4.87 19.10
CA ARG A 69 3.60 -4.10 19.09
C ARG A 69 2.38 -4.98 18.81
N PHE A 70 2.58 -6.04 18.03
CA PHE A 70 1.51 -6.99 17.78
C PHE A 70 1.10 -7.65 19.10
N LEU A 71 2.11 -8.08 19.86
CA LEU A 71 1.89 -8.75 21.12
C LEU A 71 1.28 -7.83 22.17
N LEU A 72 1.70 -6.56 22.17
CA LEU A 72 1.28 -5.63 23.21
C LEU A 72 -0.04 -4.92 22.91
N GLU A 73 -0.30 -4.67 21.63
CA GLU A 73 -1.41 -3.79 21.24
C GLU A 73 -2.60 -4.49 20.59
N THR A 74 -2.52 -5.81 20.44
CA THR A 74 -3.67 -6.57 19.95
C THR A 74 -4.06 -7.66 20.95
N SER A 75 -5.25 -8.20 20.79
CA SER A 75 -5.83 -9.06 21.81
C SER A 75 -5.61 -10.56 21.62
N CYS A 76 -5.29 -10.98 20.40
CA CYS A 76 -5.41 -12.40 20.05
C CYS A 76 -4.13 -13.14 19.67
N VAL A 77 -2.97 -12.52 19.83
CA VAL A 77 -1.72 -13.17 19.42
C VAL A 77 -1.30 -14.28 20.38
N GLU A 78 -1.44 -15.53 19.94
CA GLU A 78 -0.97 -16.66 20.74
C GLU A 78 0.55 -16.67 20.80
N LYS A 79 1.18 -16.54 19.64
CA LYS A 79 2.64 -16.55 19.56
C LYS A 79 3.13 -15.75 18.35
N ALA A 80 4.19 -14.98 18.56
CA ALA A 80 4.81 -14.21 17.49
C ALA A 80 6.15 -14.84 17.11
N TYR A 81 6.36 -15.03 15.81
CA TYR A 81 7.60 -15.60 15.33
C TYR A 81 8.40 -14.53 14.58
N ALA A 82 9.45 -14.03 15.22
CA ALA A 82 10.27 -12.98 14.63
C ALA A 82 11.58 -13.55 14.12
N ASN A 83 12.10 -12.95 13.05
CA ASN A 83 13.30 -13.45 12.42
C ASN A 83 14.12 -12.32 11.81
N ASP A 84 15.44 -12.52 11.77
CA ASP A 84 16.33 -11.59 11.08
C ASP A 84 17.66 -12.30 10.84
N ILE A 85 18.20 -12.16 9.65
CA ILE A 85 19.44 -12.84 9.28
C ILE A 85 20.65 -12.21 9.97
N SER A 86 20.50 -10.96 10.42
CA SER A 86 21.59 -10.23 11.04
C SER A 86 21.76 -10.59 12.52
N SER A 87 22.99 -10.94 12.90
CA SER A 87 23.28 -11.39 14.25
C SER A 87 23.04 -10.30 15.30
N LYS A 88 23.52 -9.09 15.04
CA LYS A 88 23.30 -8.01 16.01
C LYS A 88 21.86 -7.54 16.01
N ALA A 89 21.17 -7.74 14.89
CA ALA A 89 19.73 -7.50 14.87
C ALA A 89 19.12 -8.42 15.92
N ILE A 90 19.55 -9.68 15.90
CA ILE A 90 19.06 -10.68 16.84
C ILE A 90 19.30 -10.30 18.30
N GLU A 91 20.55 -9.94 18.62
CA GLU A 91 20.90 -9.51 19.97
C GLU A 91 19.96 -8.42 20.47
N ILE A 92 19.85 -7.36 19.68
CA ILE A 92 18.99 -6.23 20.02
C ILE A 92 17.55 -6.69 20.20
N MET A 93 17.06 -7.48 19.25
CA MET A 93 15.70 -7.99 19.28
C MET A 93 15.41 -8.68 20.61
N LYS A 94 16.32 -9.56 21.02
CA LYS A 94 16.19 -10.29 22.29
C LYS A 94 15.97 -9.34 23.46
N GLU A 95 16.85 -8.36 23.57
CA GLU A 95 16.78 -7.41 24.68
C GLU A 95 15.48 -6.61 24.63
N ASN A 96 15.00 -6.34 23.42
CA ASN A 96 13.78 -5.58 23.26
C ASN A 96 12.53 -6.33 23.74
N PHE A 97 12.48 -7.64 23.46
CA PHE A 97 11.38 -8.45 23.96
C PHE A 97 11.37 -8.45 25.48
N LYS A 98 12.55 -8.58 26.08
CA LYS A 98 12.68 -8.55 27.53
C LYS A 98 12.32 -7.18 28.11
N LEU A 99 12.74 -6.13 27.41
CA LEU A 99 12.46 -4.75 27.84
C LEU A 99 10.96 -4.52 28.00
N ASN A 100 10.16 -5.16 27.16
CA ASN A 100 8.71 -4.99 27.21
C ASN A 100 8.00 -6.06 28.04
N ASN A 101 8.78 -6.81 28.83
CA ASN A 101 8.23 -7.80 29.75
C ASN A 101 7.31 -8.81 29.09
N ILE A 102 7.65 -9.23 27.87
CA ILE A 102 6.88 -10.21 27.15
C ILE A 102 7.29 -11.63 27.56
N PRO A 103 6.33 -12.43 28.04
CA PRO A 103 6.58 -13.81 28.46
C PRO A 103 7.25 -14.63 27.35
N GLU A 104 8.20 -15.47 27.74
CA GLU A 104 8.99 -16.25 26.77
C GLU A 104 8.15 -17.11 25.83
N ASP A 105 7.09 -17.72 26.35
CA ASP A 105 6.28 -18.64 25.53
C ASP A 105 5.35 -17.91 24.56
N ARG A 106 5.48 -16.59 24.50
CA ARG A 106 4.66 -15.78 23.60
C ARG A 106 5.39 -15.48 22.29
N TYR A 107 6.67 -15.84 22.21
CA TYR A 107 7.45 -15.52 21.02
C TYR A 107 8.62 -16.48 20.75
N GLU A 108 9.07 -16.49 19.50
CA GLU A 108 10.26 -17.22 19.11
C GLU A 108 11.12 -16.30 18.25
N ILE A 109 12.43 -16.32 18.48
CA ILE A 109 13.35 -15.52 17.68
C ILE A 109 14.23 -16.44 16.86
N HIS A 110 14.35 -16.12 15.57
CA HIS A 110 15.18 -16.92 14.67
C HIS A 110 16.13 -16.01 13.90
N GLY A 111 17.24 -16.57 13.44
CA GLY A 111 18.24 -15.80 12.71
C GLY A 111 18.51 -16.40 11.35
N MET A 112 17.45 -16.70 10.61
CA MET A 112 17.58 -17.35 9.32
C MET A 112 17.32 -16.36 8.19
N GLU A 113 17.71 -16.74 6.99
CA GLU A 113 17.26 -16.06 5.78
C GLU A 113 15.74 -16.19 5.79
N ALA A 114 15.05 -15.13 5.41
CA ALA A 114 13.60 -15.05 5.61
C ALA A 114 12.80 -16.13 4.86
N ASN A 115 13.25 -16.48 3.67
CA ASN A 115 12.57 -17.54 2.92
C ASN A 115 12.65 -18.89 3.63
N PHE A 116 13.80 -19.21 4.21
CA PHE A 116 13.98 -20.46 4.94
C PHE A 116 13.16 -20.46 6.23
N PHE A 117 13.15 -19.31 6.89
CA PHE A 117 12.36 -19.11 8.11
C PHE A 117 10.88 -19.37 7.82
N LEU A 118 10.38 -18.76 6.76
CA LEU A 118 8.98 -18.89 6.38
C LEU A 118 8.61 -20.32 5.96
N ARG A 119 9.52 -20.98 5.25
CA ARG A 119 9.24 -22.29 4.70
C ARG A 119 9.53 -23.44 5.66
N LYS A 120 10.00 -23.12 6.86
CA LYS A 120 10.20 -24.13 7.89
C LYS A 120 8.94 -25.00 7.99
N GLU A 121 9.12 -26.26 8.34
CA GLU A 121 7.99 -27.14 8.58
C GLU A 121 7.41 -26.86 9.96
N TRP A 122 6.64 -25.78 10.05
CA TRP A 122 6.06 -25.34 11.32
C TRP A 122 4.98 -26.28 11.84
N GLY A 123 4.26 -26.92 10.93
CA GLY A 123 3.11 -27.73 11.31
C GLY A 123 1.84 -26.89 11.38
N PHE A 124 1.97 -25.62 11.01
CA PHE A 124 0.84 -24.69 10.99
C PHE A 124 1.12 -23.58 10.00
N GLY A 125 0.08 -22.89 9.56
CA GLY A 125 0.23 -21.72 8.71
C GLY A 125 0.09 -20.45 9.51
N PHE A 126 0.76 -19.40 9.09
CA PHE A 126 0.67 -18.10 9.77
C PHE A 126 -0.62 -17.38 9.45
N ASP A 127 -1.30 -16.89 10.49
CA ASP A 127 -2.52 -16.13 10.33
C ASP A 127 -2.24 -14.71 9.87
N TYR A 128 -1.08 -14.18 10.27
CA TYR A 128 -0.71 -12.82 9.94
C TYR A 128 0.78 -12.75 9.66
N VAL A 129 1.14 -12.11 8.56
CA VAL A 129 2.54 -11.90 8.22
C VAL A 129 2.78 -10.45 7.87
N ASP A 130 3.79 -9.85 8.48
CA ASP A 130 4.19 -8.50 8.11
C ASP A 130 5.54 -8.56 7.39
N LEU A 131 5.52 -8.24 6.10
CA LEU A 131 6.71 -8.30 5.27
C LEU A 131 7.19 -6.88 5.00
N ASP A 132 8.34 -6.52 5.57
CA ASP A 132 8.80 -5.14 5.59
C ASP A 132 10.26 -5.00 5.14
N PRO A 133 10.52 -5.18 3.84
CA PRO A 133 11.90 -5.12 3.34
C PRO A 133 12.36 -3.72 2.97
N PHE A 134 13.67 -3.54 2.93
CA PHE A 134 14.27 -2.39 2.25
C PHE A 134 14.21 -2.70 0.77
N GLY A 135 13.46 -1.90 0.01
CA GLY A 135 13.32 -2.13 -1.41
C GLY A 135 12.13 -3.02 -1.75
N THR A 136 12.34 -3.96 -2.66
CA THR A 136 11.26 -4.81 -3.16
C THR A 136 10.95 -6.00 -2.27
N PRO A 137 9.66 -6.38 -2.18
CA PRO A 137 9.23 -7.58 -1.47
C PRO A 137 9.22 -8.83 -2.36
N VAL A 138 9.49 -8.65 -3.66
CA VAL A 138 9.42 -9.76 -4.62
C VAL A 138 10.10 -11.07 -4.18
N PRO A 139 11.34 -10.98 -3.67
CA PRO A 139 12.06 -12.21 -3.30
C PRO A 139 11.38 -13.04 -2.22
N PHE A 140 10.41 -12.48 -1.51
CA PHE A 140 9.81 -13.16 -0.36
C PHE A 140 8.32 -13.52 -0.56
N ILE A 141 7.73 -13.00 -1.63
CA ILE A 141 6.29 -13.14 -1.86
C ILE A 141 5.81 -14.60 -1.90
N GLU A 142 6.51 -15.43 -2.64
CA GLU A 142 6.09 -16.83 -2.77
C GLU A 142 6.14 -17.56 -1.44
N SER A 143 7.25 -17.38 -0.71
CA SER A 143 7.39 -18.02 0.60
C SER A 143 6.32 -17.55 1.58
N VAL A 144 6.00 -16.26 1.53
CA VAL A 144 4.95 -15.71 2.39
C VAL A 144 3.60 -16.34 2.07
N ALA A 145 3.26 -16.34 0.79
CA ALA A 145 1.99 -16.91 0.35
C ALA A 145 1.84 -18.37 0.77
N LEU A 146 2.90 -19.14 0.60
CA LEU A 146 2.89 -20.56 0.93
C LEU A 146 2.83 -20.78 2.44
N SER A 147 3.45 -19.90 3.20
CA SER A 147 3.54 -20.08 4.64
C SER A 147 2.25 -19.66 5.34
N MET A 148 1.45 -18.84 4.68
CA MET A 148 0.27 -18.27 5.32
C MET A 148 -0.88 -19.26 5.37
N LYS A 149 -1.73 -19.08 6.37
CA LYS A 149 -2.93 -19.87 6.46
C LYS A 149 -4.00 -19.27 5.57
N ARG A 150 -4.87 -20.13 5.04
CA ARG A 150 -6.02 -19.69 4.29
C ARG A 150 -6.83 -18.69 5.15
N GLY A 151 -7.15 -17.55 4.58
CA GLY A 151 -7.88 -16.52 5.31
C GLY A 151 -6.97 -15.59 6.10
N GLY A 152 -5.66 -15.86 6.04
CA GLY A 152 -4.68 -15.03 6.72
C GLY A 152 -4.46 -13.73 5.99
N ILE A 153 -3.92 -12.75 6.70
CA ILE A 153 -3.67 -11.44 6.12
C ILE A 153 -2.18 -11.13 6.02
N LEU A 154 -1.80 -10.50 4.91
CA LEU A 154 -0.42 -10.07 4.70
C LEU A 154 -0.33 -8.56 4.82
N SER A 155 0.55 -8.11 5.72
CA SER A 155 0.91 -6.70 5.81
C SER A 155 2.20 -6.50 5.05
N LEU A 156 2.14 -5.72 3.97
CA LEU A 156 3.27 -5.62 3.04
C LEU A 156 3.77 -4.19 2.85
N THR A 157 5.09 -4.05 2.78
CA THR A 157 5.72 -2.77 2.44
C THR A 157 6.63 -2.96 1.23
N ALA A 158 6.74 -1.92 0.40
CA ALA A 158 7.76 -1.87 -0.65
C ALA A 158 8.32 -0.46 -0.69
N THR A 159 9.64 -0.32 -0.79
CA THR A 159 10.23 1.01 -0.83
C THR A 159 10.89 1.31 -2.17
N ASP A 160 10.84 0.35 -3.08
CA ASP A 160 11.34 0.58 -4.43
C ASP A 160 10.29 1.28 -5.28
N THR A 161 9.87 2.46 -4.81
CA THR A 161 8.82 3.22 -5.48
C THR A 161 9.32 3.91 -6.75
N ALA A 162 10.62 4.17 -6.83
CA ALA A 162 11.17 4.89 -7.98
C ALA A 162 10.99 4.11 -9.29
N PRO A 163 11.38 2.82 -9.31
CA PRO A 163 11.14 2.01 -10.51
C PRO A 163 9.65 1.85 -10.79
N LEU A 164 8.88 1.49 -9.77
CA LEU A 164 7.44 1.30 -9.92
C LEU A 164 6.72 2.57 -10.38
N SER A 165 7.27 3.72 -10.04
CA SER A 165 6.63 5.00 -10.34
C SER A 165 7.09 5.60 -11.66
N GLY A 166 8.00 4.92 -12.36
CA GLY A 166 8.40 5.34 -13.69
C GLY A 166 9.72 6.07 -13.81
N THR A 167 10.39 6.29 -12.68
CA THR A 167 11.70 6.93 -12.72
C THR A 167 12.72 6.02 -13.42
N TYR A 168 12.59 4.71 -13.21
CA TYR A 168 13.50 3.74 -13.80
C TYR A 168 12.73 2.61 -14.49
N PRO A 169 12.27 2.86 -15.73
CA PRO A 169 11.34 1.96 -16.43
C PRO A 169 11.93 0.59 -16.79
N LYS A 170 13.18 0.53 -17.20
CA LYS A 170 13.79 -0.76 -17.55
C LYS A 170 13.94 -1.63 -16.30
N THR A 171 14.28 -0.99 -15.19
CA THR A 171 14.39 -1.66 -13.91
C THR A 171 13.03 -2.20 -13.49
N CYS A 172 11.99 -1.40 -13.73
CA CYS A 172 10.63 -1.81 -13.41
C CYS A 172 10.24 -3.04 -14.23
N MET A 173 10.57 -3.03 -15.51
CA MET A 173 10.23 -4.13 -16.40
C MET A 173 10.92 -5.43 -15.98
N ARG A 174 12.19 -5.34 -15.62
CA ARG A 174 12.94 -6.53 -15.20
C ARG A 174 12.36 -7.19 -13.96
N ARG A 175 11.95 -6.36 -13.00
CA ARG A 175 11.49 -6.88 -11.73
C ARG A 175 10.00 -7.21 -11.72
N TYR A 176 9.20 -6.39 -12.38
CA TYR A 176 7.74 -6.52 -12.31
C TYR A 176 7.06 -6.91 -13.61
N MET A 177 7.84 -7.00 -14.69
CA MET A 177 7.29 -7.31 -16.02
C MET A 177 6.12 -6.40 -16.37
N ALA A 178 6.31 -5.10 -16.20
CA ALA A 178 5.28 -4.13 -16.57
C ALA A 178 5.90 -2.79 -16.93
N ARG A 179 5.24 -2.06 -17.82
CA ARG A 179 5.64 -0.70 -18.17
C ARG A 179 4.96 0.28 -17.23
N PRO A 180 5.75 1.11 -16.54
CA PRO A 180 5.17 2.12 -15.63
C PRO A 180 4.80 3.40 -16.36
N LEU A 181 4.12 4.31 -15.68
CA LEU A 181 3.77 5.62 -16.23
C LEU A 181 4.16 6.73 -15.25
N ARG A 182 5.18 7.50 -15.62
CA ARG A 182 5.66 8.59 -14.76
C ARG A 182 4.78 9.83 -14.93
N ASN A 183 3.51 9.72 -14.55
CA ASN A 183 2.56 10.83 -14.70
C ASN A 183 2.10 11.37 -13.35
N GLU A 184 1.01 12.12 -13.36
CA GLU A 184 0.50 12.75 -12.14
C GLU A 184 -0.07 11.74 -11.15
N PHE A 185 -0.48 10.57 -11.64
CA PHE A 185 -0.91 9.51 -10.73
C PHE A 185 0.05 8.32 -10.74
N LYS A 186 1.33 8.62 -10.93
CA LYS A 186 2.36 7.58 -11.07
C LYS A 186 2.45 6.61 -9.90
N HIS A 187 2.20 7.11 -8.69
CA HIS A 187 2.25 6.27 -7.50
C HIS A 187 1.14 5.22 -7.48
N GLU A 188 -0.01 5.57 -8.05
CA GLU A 188 -1.10 4.61 -8.16
C GLU A 188 -0.77 3.54 -9.20
N VAL A 189 -0.24 3.97 -10.34
CA VAL A 189 0.18 3.02 -11.36
C VAL A 189 1.19 2.04 -10.76
N GLY A 190 2.13 2.58 -9.99
CA GLY A 190 3.16 1.76 -9.35
C GLY A 190 2.57 0.72 -8.42
N ILE A 191 1.63 1.15 -7.58
CA ILE A 191 0.98 0.24 -6.66
C ILE A 191 0.23 -0.86 -7.38
N ARG A 192 -0.46 -0.52 -8.47
CA ARG A 192 -1.22 -1.49 -9.24
C ARG A 192 -0.31 -2.51 -9.93
N ILE A 193 0.88 -2.07 -10.31
CA ILE A 193 1.87 -2.98 -10.87
C ILE A 193 2.35 -3.94 -9.80
N LEU A 194 2.65 -3.40 -8.62
CA LEU A 194 3.12 -4.22 -7.50
C LEU A 194 2.06 -5.27 -7.15
N ILE A 195 0.81 -4.85 -7.11
CA ILE A 195 -0.29 -5.75 -6.79
C ILE A 195 -0.34 -6.90 -7.79
N LYS A 196 -0.24 -6.56 -9.07
CA LYS A 196 -0.26 -7.57 -10.13
C LYS A 196 0.86 -8.59 -9.90
N LYS A 197 2.05 -8.11 -9.58
CA LYS A 197 3.19 -8.99 -9.37
C LYS A 197 2.93 -9.95 -8.20
N VAL A 198 2.41 -9.42 -7.10
CA VAL A 198 2.10 -10.25 -5.94
C VAL A 198 1.11 -11.35 -6.32
N ILE A 199 0.08 -10.97 -7.05
CA ILE A 199 -0.97 -11.93 -7.43
C ILE A 199 -0.45 -13.04 -8.33
N GLU A 200 0.33 -12.67 -9.34
CA GLU A 200 0.81 -13.67 -10.29
C GLU A 200 1.80 -14.66 -9.66
N LEU A 201 2.62 -14.19 -8.72
CA LEU A 201 3.55 -15.06 -8.04
C LEU A 201 2.83 -16.08 -7.16
N ALA A 202 1.81 -15.63 -6.44
CA ALA A 202 0.98 -16.54 -5.66
C ALA A 202 0.17 -17.46 -6.56
N ALA A 203 -0.29 -16.92 -7.70
CA ALA A 203 -1.11 -17.68 -8.64
C ALA A 203 -0.39 -18.94 -9.13
N GLN A 204 0.94 -18.89 -9.14
CA GLN A 204 1.74 -20.03 -9.59
C GLN A 204 1.46 -21.26 -8.76
N TYR A 205 0.99 -21.06 -7.54
CA TYR A 205 0.71 -22.16 -6.62
C TYR A 205 -0.79 -22.28 -6.36
N ASP A 206 -1.59 -21.72 -7.27
CA ASP A 206 -3.04 -21.71 -7.12
C ASP A 206 -3.49 -21.04 -5.82
N ILE A 207 -2.70 -20.07 -5.36
CA ILE A 207 -3.08 -19.28 -4.20
C ILE A 207 -3.60 -17.92 -4.66
N ALA A 208 -4.75 -17.53 -4.13
CA ALA A 208 -5.33 -16.24 -4.44
C ALA A 208 -4.99 -15.21 -3.37
N MET A 209 -4.13 -14.27 -3.69
CA MET A 209 -3.80 -13.18 -2.77
C MET A 209 -4.59 -11.93 -3.15
N ILE A 210 -5.69 -11.71 -2.43
CA ILE A 210 -6.62 -10.64 -2.76
C ILE A 210 -6.21 -9.34 -2.07
N PRO A 211 -6.00 -8.27 -2.85
CA PRO A 211 -5.65 -6.97 -2.26
C PRO A 211 -6.87 -6.38 -1.57
N ILE A 212 -6.67 -5.75 -0.41
CA ILE A 212 -7.79 -5.23 0.35
C ILE A 212 -7.52 -3.82 0.87
N PHE A 213 -6.31 -3.34 0.65
CA PHE A 213 -5.92 -2.01 1.13
C PHE A 213 -4.62 -1.55 0.50
N ALA A 214 -4.59 -0.28 0.11
CA ALA A 214 -3.40 0.32 -0.45
C ALA A 214 -3.15 1.69 0.19
N TYR A 215 -1.88 2.01 0.41
CA TYR A 215 -1.50 3.31 0.92
C TYR A 215 -0.12 3.72 0.38
N SER A 216 -0.06 4.91 -0.22
CA SER A 216 1.18 5.42 -0.74
C SER A 216 1.62 6.66 0.03
N HIS A 217 2.85 6.66 0.52
CA HIS A 217 3.40 7.83 1.17
C HIS A 217 4.86 8.03 0.78
N LEU A 218 5.17 9.23 0.28
CA LEU A 218 6.53 9.56 -0.13
C LEU A 218 7.21 8.41 -0.86
N HIS A 219 8.15 7.75 -0.19
CA HIS A 219 8.96 6.72 -0.84
C HIS A 219 8.65 5.30 -0.39
N TYR A 220 7.41 5.02 0.01
CA TYR A 220 7.01 3.64 0.26
C TYR A 220 5.54 3.34 -0.07
N PHE A 221 5.28 2.09 -0.40
CA PHE A 221 3.92 1.59 -0.61
C PHE A 221 3.57 0.66 0.55
N LYS A 222 2.29 0.70 0.96
CA LYS A 222 1.80 -0.19 2.00
C LYS A 222 0.57 -0.91 1.47
N LEU A 223 0.61 -2.23 1.47
CA LEU A 223 -0.52 -3.03 0.96
C LEU A 223 -0.97 -4.08 1.96
N PHE A 224 -2.23 -4.46 1.87
CA PHE A 224 -2.74 -5.60 2.61
C PHE A 224 -3.35 -6.59 1.63
N PHE A 225 -3.10 -7.87 1.87
CA PHE A 225 -3.71 -8.93 1.07
C PHE A 225 -4.31 -9.95 2.02
N VAL A 226 -5.35 -10.64 1.56
CA VAL A 226 -5.84 -11.81 2.27
C VAL A 226 -5.63 -13.04 1.38
N LYS A 227 -5.16 -14.13 1.98
CA LYS A 227 -4.93 -15.36 1.24
C LYS A 227 -6.19 -16.21 1.12
N GLU A 228 -6.47 -16.66 -0.09
CA GLU A 228 -7.59 -17.58 -0.32
C GLU A 228 -7.17 -18.72 -1.23
N ARG A 229 -8.00 -19.76 -1.28
CA ARG A 229 -7.70 -20.95 -2.06
C ARG A 229 -8.77 -21.17 -3.12
N GLY A 230 -8.45 -21.97 -4.14
CA GLY A 230 -9.39 -22.27 -5.20
C GLY A 230 -9.01 -21.62 -6.51
N VAL A 231 -8.86 -22.44 -7.56
CA VAL A 231 -8.44 -21.93 -8.87
C VAL A 231 -9.38 -20.86 -9.42
N GLU A 232 -10.67 -20.97 -9.08
CA GLU A 232 -11.65 -20.01 -9.57
C GLU A 232 -11.39 -18.60 -9.00
N LYS A 233 -10.98 -18.54 -7.74
CA LYS A 233 -10.66 -17.27 -7.12
C LYS A 233 -9.40 -16.66 -7.74
N VAL A 234 -8.42 -17.51 -8.03
CA VAL A 234 -7.22 -17.04 -8.72
C VAL A 234 -7.62 -16.50 -10.09
N ASP A 235 -8.46 -17.26 -10.79
CA ASP A 235 -8.94 -16.85 -12.10
C ASP A 235 -9.59 -15.47 -12.04
N LYS A 236 -10.43 -15.24 -11.02
CA LYS A 236 -11.11 -13.96 -10.86
C LYS A 236 -10.12 -12.81 -10.74
N LEU A 237 -9.04 -13.03 -9.99
CA LEU A 237 -8.01 -12.03 -9.82
C LEU A 237 -7.31 -11.73 -11.14
N ILE A 238 -6.90 -12.77 -11.85
CA ILE A 238 -6.20 -12.63 -13.12
C ILE A 238 -7.03 -11.84 -14.13
N GLU A 239 -8.34 -12.10 -14.14
CA GLU A 239 -9.26 -11.40 -15.04
C GLU A 239 -9.24 -9.89 -14.82
N GLN A 240 -8.74 -9.48 -13.66
CA GLN A 240 -8.69 -8.05 -13.32
C GLN A 240 -7.29 -7.48 -13.53
N PHE A 241 -6.51 -8.13 -14.36
CA PHE A 241 -5.26 -7.56 -14.86
C PHE A 241 -5.61 -6.78 -16.12
N GLY A 242 -4.92 -5.66 -16.35
CA GLY A 242 -5.21 -4.85 -17.50
C GLY A 242 -4.16 -3.78 -17.73
N TYR A 243 -4.48 -2.84 -18.61
CA TYR A 243 -3.56 -1.78 -18.96
C TYR A 243 -4.21 -0.42 -18.79
N ILE A 244 -3.37 0.60 -18.68
CA ILE A 244 -3.84 1.98 -18.69
C ILE A 244 -3.17 2.69 -19.85
N GLN A 245 -3.98 3.24 -20.76
CA GLN A 245 -3.45 4.13 -21.78
C GLN A 245 -3.50 5.55 -21.24
N TYR A 246 -2.42 6.30 -21.46
CA TYR A 246 -2.33 7.65 -20.93
C TYR A 246 -1.63 8.59 -21.90
N CYS A 247 -2.13 9.82 -21.97
CA CYS A 247 -1.58 10.82 -22.86
C CYS A 247 -0.88 11.91 -22.04
N PHE A 248 0.41 12.12 -22.31
CA PHE A 248 1.17 13.11 -21.56
C PHE A 248 0.87 14.54 -21.99
N ASN A 249 0.28 14.70 -23.16
CA ASN A 249 -0.05 16.04 -23.65
C ASN A 249 -1.29 16.64 -22.97
N CYS A 250 -2.36 15.85 -22.89
CA CYS A 250 -3.62 16.36 -22.36
C CYS A 250 -4.09 15.60 -21.11
N MET A 251 -3.37 14.55 -20.74
CA MET A 251 -3.66 13.80 -19.52
C MET A 251 -4.85 12.84 -19.65
N ASN A 252 -5.35 12.69 -20.87
CA ASN A 252 -6.39 11.69 -21.13
C ASN A 252 -5.93 10.30 -20.71
N ARG A 253 -6.84 9.49 -20.18
CA ARG A 253 -6.51 8.12 -19.78
C ARG A 253 -7.66 7.14 -20.05
N GLU A 254 -7.30 5.87 -20.25
CA GLU A 254 -8.29 4.84 -20.55
C GLU A 254 -7.80 3.45 -20.13
N VAL A 255 -8.71 2.67 -19.54
CA VAL A 255 -8.41 1.30 -19.14
C VAL A 255 -8.68 0.32 -20.27
N VAL A 256 -7.68 -0.52 -20.58
CA VAL A 256 -7.83 -1.52 -21.63
C VAL A 256 -7.52 -2.91 -21.11
N THR A 257 -8.49 -3.81 -21.24
CA THR A 257 -8.32 -5.21 -20.85
C THR A 257 -8.34 -6.10 -22.08
N ASP A 258 -8.69 -5.51 -23.22
CA ASP A 258 -8.80 -6.23 -24.48
C ASP A 258 -7.61 -5.90 -25.38
N LEU A 259 -6.71 -6.86 -25.55
CA LEU A 259 -5.48 -6.63 -26.30
C LEU A 259 -5.73 -6.06 -27.70
N TYR A 260 -6.90 -6.35 -28.27
CA TYR A 260 -7.23 -5.85 -29.61
C TYR A 260 -7.54 -4.36 -29.61
N LYS A 261 -7.68 -3.77 -28.43
CA LYS A 261 -8.33 -2.46 -28.32
C LYS A 261 -7.39 -1.27 -28.10
N PHE A 262 -6.08 -1.47 -28.19
CA PHE A 262 -5.14 -0.37 -27.99
C PHE A 262 -5.21 0.67 -29.10
N LYS A 263 -5.10 1.94 -28.72
CA LYS A 263 -5.09 3.03 -29.68
C LYS A 263 -3.72 3.70 -29.68
N GLU A 264 -3.15 3.91 -30.86
CA GLU A 264 -1.85 4.56 -30.97
C GLU A 264 -1.93 6.04 -30.65
N LYS A 265 -3.01 6.68 -31.08
CA LYS A 265 -3.18 8.11 -30.87
C LYS A 265 -4.26 8.43 -29.85
N CYS A 266 -3.96 9.42 -29.00
CA CYS A 266 -4.92 9.90 -28.02
C CYS A 266 -6.13 10.50 -28.73
N PRO A 267 -7.33 9.96 -28.45
CA PRO A 267 -8.55 10.41 -29.13
C PRO A 267 -8.87 11.89 -28.87
N HIS A 268 -8.25 12.47 -27.85
CA HIS A 268 -8.54 13.85 -27.48
C HIS A 268 -7.69 14.87 -28.24
N CYS A 269 -6.38 14.69 -28.21
CA CYS A 269 -5.48 15.67 -28.81
C CYS A 269 -4.61 15.06 -29.92
N GLY A 270 -4.69 13.75 -30.09
CA GLY A 270 -3.99 13.08 -31.19
C GLY A 270 -2.53 12.78 -30.91
N SER A 271 -2.06 13.14 -29.73
CA SER A 271 -0.68 12.81 -29.33
C SER A 271 -0.55 11.31 -29.10
N LYS A 272 0.67 10.86 -28.85
CA LYS A 272 0.91 9.44 -28.60
C LYS A 272 0.19 8.97 -27.34
N PHE A 273 -0.58 7.89 -27.47
CA PHE A 273 -1.33 7.32 -26.36
C PHE A 273 -0.53 6.18 -25.74
N HIS A 274 0.23 6.50 -24.69
CA HIS A 274 1.14 5.52 -24.07
C HIS A 274 0.41 4.37 -23.37
N ILE A 275 1.12 3.27 -23.18
CA ILE A 275 0.57 2.09 -22.51
C ILE A 275 1.30 1.79 -21.20
N GLY A 276 0.55 1.70 -20.11
CA GLY A 276 1.10 1.27 -18.84
C GLY A 276 0.52 -0.09 -18.44
N GLY A 277 1.35 -0.94 -17.83
CA GLY A 277 0.91 -2.26 -17.43
C GLY A 277 1.71 -3.39 -18.05
N PRO A 278 1.22 -4.63 -17.94
CA PRO A 278 -0.07 -4.95 -17.30
C PRO A 278 -0.04 -4.70 -15.80
N LEU A 279 -1.21 -4.50 -15.23
CA LEU A 279 -1.31 -4.13 -13.82
C LEU A 279 -2.71 -4.41 -13.28
N TRP A 280 -2.88 -4.28 -11.97
CA TRP A 280 -4.16 -4.51 -11.32
C TRP A 280 -5.10 -3.37 -11.63
N ILE A 281 -6.24 -3.69 -12.25
CA ILE A 281 -7.24 -2.67 -12.55
C ILE A 281 -8.49 -2.82 -11.68
N GLY A 282 -8.37 -3.61 -10.63
CA GLY A 282 -9.47 -3.81 -9.69
C GLY A 282 -9.46 -2.78 -8.58
N LYS A 283 -10.19 -3.09 -7.50
CA LYS A 283 -10.31 -2.19 -6.36
C LYS A 283 -9.02 -2.16 -5.53
N LEU A 284 -8.68 -0.99 -5.02
CA LEU A 284 -7.53 -0.84 -4.14
C LEU A 284 -7.91 -1.03 -2.66
N TRP A 285 -9.20 -0.91 -2.35
CA TRP A 285 -9.64 -1.01 -0.97
C TRP A 285 -10.88 -1.87 -0.78
N ASP A 286 -10.80 -2.80 0.16
CA ASP A 286 -11.98 -3.47 0.63
C ASP A 286 -12.67 -2.54 1.62
N GLU A 287 -13.91 -2.15 1.29
CA GLU A 287 -14.67 -1.18 2.08
C GLU A 287 -14.67 -1.51 3.57
N GLU A 288 -15.06 -2.74 3.90
CA GLU A 288 -15.21 -3.17 5.29
C GLU A 288 -13.88 -3.14 6.05
N PHE A 289 -12.83 -3.68 5.44
CA PHE A 289 -11.51 -3.69 6.05
C PHE A 289 -11.06 -2.26 6.33
N THR A 290 -11.22 -1.40 5.33
CA THR A 290 -10.77 -0.01 5.44
C THR A 290 -11.56 0.73 6.52
N ASN A 291 -12.88 0.57 6.50
CA ASN A 291 -13.72 1.19 7.52
C ASN A 291 -13.28 0.78 8.93
N PHE A 292 -13.06 -0.51 9.13
CA PHE A 292 -12.61 -1.00 10.42
C PHE A 292 -11.31 -0.33 10.85
N LEU A 293 -10.32 -0.31 9.96
CA LEU A 293 -9.05 0.34 10.26
C LEU A 293 -9.28 1.73 10.86
N TYR A 294 -10.14 2.50 10.21
CA TYR A 294 -10.42 3.87 10.64
C TYR A 294 -11.09 3.91 12.01
N GLU A 295 -12.17 3.15 12.17
CA GLU A 295 -12.92 3.13 13.42
C GLU A 295 -12.08 2.64 14.59
N GLU A 296 -11.30 1.59 14.35
CA GLU A 296 -10.45 1.03 15.40
C GLU A 296 -9.32 1.99 15.76
N ALA A 297 -8.75 2.64 14.75
CA ALA A 297 -7.69 3.61 14.95
C ALA A 297 -8.14 4.72 15.90
N GLN A 298 -9.39 5.16 15.73
CA GLN A 298 -9.93 6.27 16.52
C GLN A 298 -10.07 5.93 18.00
N LYS A 299 -10.10 4.65 18.33
CA LYS A 299 -10.26 4.21 19.71
C LYS A 299 -8.92 4.05 20.40
N ARG A 300 -7.83 4.31 19.67
CA ARG A 300 -6.49 4.07 20.18
C ARG A 300 -5.66 5.35 20.31
N GLU A 301 -5.32 5.68 21.55
CA GLU A 301 -4.53 6.87 21.86
C GLU A 301 -3.08 6.68 21.38
N GLU A 302 -2.63 5.43 21.37
CA GLU A 302 -1.26 5.12 20.97
C GLU A 302 -1.10 5.05 19.45
N ILE A 303 -2.16 5.32 18.71
CA ILE A 303 -2.09 5.41 17.26
C ILE A 303 -1.86 6.86 16.85
N GLU A 304 -0.88 7.09 15.98
CA GLU A 304 -0.55 8.45 15.55
C GLU A 304 -1.77 9.19 15.01
N LYS A 305 -1.84 10.49 15.32
CA LYS A 305 -2.88 11.35 14.80
C LYS A 305 -2.87 11.33 13.28
N GLU A 306 -1.66 11.30 12.70
CA GLU A 306 -1.51 11.28 11.26
C GLU A 306 -2.17 10.06 10.64
N THR A 307 -1.94 8.90 11.24
CA THR A 307 -2.56 7.67 10.78
C THR A 307 -4.08 7.84 10.74
N LYS A 308 -4.62 8.49 11.76
CA LYS A 308 -6.06 8.72 11.84
C LYS A 308 -6.56 9.64 10.73
N ARG A 309 -5.80 10.69 10.44
CA ARG A 309 -6.19 11.62 9.38
C ARG A 309 -6.12 10.94 8.01
N ILE A 310 -5.05 10.18 7.80
CA ILE A 310 -4.87 9.44 6.56
C ILE A 310 -5.99 8.43 6.35
N LEU A 311 -6.30 7.67 7.39
CA LEU A 311 -7.37 6.69 7.31
C LEU A 311 -8.73 7.33 7.01
N LYS A 312 -8.95 8.54 7.52
CA LYS A 312 -10.21 9.23 7.25
C LYS A 312 -10.27 9.62 5.78
N LEU A 313 -9.15 10.05 5.23
CA LEU A 313 -9.08 10.43 3.83
C LEU A 313 -9.28 9.19 2.94
N ILE A 314 -8.60 8.10 3.29
CA ILE A 314 -8.72 6.86 2.53
C ILE A 314 -10.13 6.27 2.58
N LYS A 315 -10.79 6.40 3.74
CA LYS A 315 -12.18 5.98 3.86
C LYS A 315 -13.03 6.72 2.83
N GLU A 316 -12.89 8.04 2.80
CA GLU A 316 -13.59 8.86 1.82
C GLU A 316 -13.26 8.38 0.40
N GLU A 317 -11.97 8.19 0.15
CA GLU A 317 -11.49 7.83 -1.17
C GLU A 317 -12.03 6.47 -1.63
N SER A 318 -12.15 5.54 -0.69
CA SER A 318 -12.55 4.18 -1.02
C SER A 318 -13.99 4.07 -1.51
N GLN A 319 -14.77 5.13 -1.34
CA GLN A 319 -16.16 5.11 -1.73
C GLN A 319 -16.37 5.51 -3.19
N LEU A 320 -15.33 6.06 -3.81
CA LEU A 320 -15.36 6.32 -5.25
C LEU A 320 -14.05 5.86 -5.88
N GLN A 321 -13.93 4.54 -6.04
CA GLN A 321 -12.69 3.97 -6.55
C GLN A 321 -12.64 3.98 -8.06
N THR A 322 -11.52 4.44 -8.60
CA THR A 322 -11.33 4.54 -10.04
C THR A 322 -9.91 4.11 -10.38
N VAL A 323 -9.65 3.87 -11.66
CA VAL A 323 -8.30 3.61 -12.11
C VAL A 323 -7.68 4.94 -12.53
N GLY A 324 -6.73 5.41 -11.72
CA GLY A 324 -6.11 6.71 -11.95
C GLY A 324 -6.93 7.82 -11.29
N PHE A 325 -6.34 9.01 -11.25
CA PHE A 325 -7.03 10.18 -10.72
C PHE A 325 -6.54 11.45 -11.41
N TYR A 326 -7.15 12.58 -11.08
CA TYR A 326 -6.76 13.85 -11.67
C TYR A 326 -6.11 14.77 -10.64
N VAL A 327 -5.20 15.63 -11.11
CA VAL A 327 -4.57 16.62 -10.24
C VAL A 327 -4.99 18.01 -10.67
N LEU A 328 -5.69 18.71 -9.78
CA LEU A 328 -6.28 20.01 -10.09
C LEU A 328 -5.29 21.00 -10.69
N SER A 329 -4.14 21.16 -10.04
CA SER A 329 -3.14 22.12 -10.49
C SER A 329 -2.71 21.87 -11.94
N LYS A 330 -2.64 20.60 -12.34
CA LYS A 330 -2.22 20.25 -13.69
C LYS A 330 -3.31 20.49 -14.73
N LEU A 331 -4.56 20.27 -14.36
CA LEU A 331 -5.69 20.59 -15.22
C LEU A 331 -5.75 22.11 -15.37
N ALA A 332 -5.62 22.80 -14.24
CA ALA A 332 -5.65 24.26 -14.22
C ALA A 332 -4.59 24.85 -15.12
N GLU A 333 -3.37 24.31 -15.05
CA GLU A 333 -2.28 24.76 -15.90
C GLU A 333 -2.63 24.56 -17.37
N LYS A 334 -3.47 23.57 -17.64
CA LYS A 334 -3.84 23.22 -19.01
C LYS A 334 -4.86 24.19 -19.60
N VAL A 335 -5.83 24.62 -18.79
CA VAL A 335 -6.89 25.49 -19.26
C VAL A 335 -6.79 26.90 -18.69
N LYS A 336 -5.70 27.16 -17.96
CA LYS A 336 -5.53 28.42 -17.25
C LYS A 336 -6.81 28.84 -16.53
N LEU A 337 -7.02 28.26 -15.35
CA LEU A 337 -8.13 28.63 -14.50
C LEU A 337 -7.72 29.87 -13.71
N PRO A 338 -8.65 30.84 -13.60
CA PRO A 338 -8.34 32.07 -12.85
C PRO A 338 -7.81 31.73 -11.46
N ALA A 339 -8.63 31.06 -10.66
CA ALA A 339 -8.24 30.64 -9.32
C ALA A 339 -8.63 29.19 -9.07
N GLN A 340 -7.76 28.45 -8.39
CA GLN A 340 -8.04 27.08 -8.02
C GLN A 340 -8.71 27.03 -6.65
N PRO A 341 -9.98 26.60 -6.60
CA PRO A 341 -10.66 26.47 -5.31
C PRO A 341 -9.94 25.42 -4.48
N PRO A 342 -10.05 25.51 -3.15
CA PRO A 342 -9.48 24.47 -2.30
C PRO A 342 -9.97 23.11 -2.78
N ILE A 343 -9.11 22.09 -2.75
CA ILE A 343 -9.45 20.78 -3.29
C ILE A 343 -10.76 20.23 -2.71
N ARG A 344 -10.98 20.47 -1.42
CA ARG A 344 -12.21 20.02 -0.76
C ARG A 344 -13.44 20.54 -1.50
N ILE A 345 -13.35 21.77 -1.99
CA ILE A 345 -14.44 22.38 -2.74
C ILE A 345 -14.39 21.94 -4.20
N ALA A 346 -13.19 21.92 -4.77
CA ALA A 346 -12.98 21.55 -6.16
C ALA A 346 -13.62 20.22 -6.55
N VAL A 347 -13.42 19.20 -5.72
CA VAL A 347 -13.91 17.86 -6.02
C VAL A 347 -15.42 17.85 -6.28
N LYS A 348 -16.15 18.71 -5.59
CA LYS A 348 -17.60 18.77 -5.72
C LYS A 348 -18.04 19.11 -7.14
N PHE A 349 -17.29 20.00 -7.80
CA PHE A 349 -17.60 20.37 -9.17
C PHE A 349 -17.46 19.19 -10.14
N PHE A 350 -16.73 18.16 -9.70
CA PHE A 350 -16.49 16.99 -10.52
C PHE A 350 -17.19 15.74 -9.97
N ASN A 351 -18.11 15.93 -9.02
CA ASN A 351 -18.79 14.82 -8.37
C ASN A 351 -17.78 13.81 -7.81
N GLY A 352 -16.64 14.30 -7.34
CA GLY A 352 -15.55 13.43 -6.95
C GLY A 352 -15.25 13.35 -5.47
N VAL A 353 -14.10 12.76 -5.16
CA VAL A 353 -13.61 12.66 -3.80
C VAL A 353 -12.11 12.92 -3.80
N ARG A 354 -11.58 13.29 -2.65
CA ARG A 354 -10.14 13.50 -2.52
C ARG A 354 -9.39 12.19 -2.57
N THR A 355 -8.11 12.25 -2.95
CA THR A 355 -7.24 11.08 -2.91
C THR A 355 -6.04 11.36 -2.02
N HIS A 356 -5.66 10.35 -1.22
CA HIS A 356 -4.52 10.48 -0.33
C HIS A 356 -3.20 10.54 -1.11
N PHE A 357 -3.25 10.14 -2.38
CA PHE A 357 -2.05 10.09 -3.22
C PHE A 357 -1.41 11.46 -3.39
N VAL A 358 -2.24 12.48 -3.61
CA VAL A 358 -1.75 13.84 -3.88
C VAL A 358 -2.71 14.88 -3.31
N GLY A 359 -2.14 15.92 -2.72
CA GLY A 359 -2.91 16.96 -2.03
C GLY A 359 -4.09 17.53 -2.79
N ASP A 360 -3.88 17.90 -4.05
CA ASP A 360 -4.95 18.46 -4.87
C ASP A 360 -5.38 17.48 -5.96
N GLY A 361 -5.33 16.20 -5.65
CA GLY A 361 -5.81 15.18 -6.57
C GLY A 361 -7.25 14.81 -6.25
N PHE A 362 -7.94 14.21 -7.22
CA PHE A 362 -9.31 13.78 -6.99
C PHE A 362 -9.75 12.68 -7.95
N ARG A 363 -10.64 11.82 -7.47
CA ARG A 363 -11.23 10.77 -8.29
C ARG A 363 -12.63 11.18 -8.71
N THR A 364 -13.06 10.68 -9.85
CA THR A 364 -14.40 10.97 -10.38
C THR A 364 -14.84 9.90 -11.38
N ASN A 365 -16.15 9.69 -11.47
CA ASN A 365 -16.71 8.75 -12.44
C ASN A 365 -16.96 9.40 -13.80
N LEU A 366 -16.77 10.71 -13.86
CA LEU A 366 -16.90 11.44 -15.12
C LEU A 366 -15.82 11.02 -16.11
N SER A 367 -16.16 11.03 -17.40
CA SER A 367 -15.19 10.72 -18.44
C SER A 367 -14.21 11.87 -18.58
N PHE A 368 -13.07 11.61 -19.24
CA PHE A 368 -12.07 12.65 -19.44
C PHE A 368 -12.67 13.87 -20.13
N GLU A 369 -13.46 13.63 -21.17
CA GLU A 369 -14.11 14.71 -21.89
C GLU A 369 -15.01 15.52 -20.96
N GLU A 370 -15.74 14.81 -20.10
CA GLU A 370 -16.62 15.45 -19.14
C GLU A 370 -15.84 16.29 -18.13
N VAL A 371 -14.71 15.76 -17.67
CA VAL A 371 -13.85 16.50 -16.75
C VAL A 371 -13.38 17.80 -17.38
N MET A 372 -12.87 17.71 -18.60
CA MET A 372 -12.41 18.90 -19.32
C MET A 372 -13.54 19.88 -19.55
N LYS A 373 -14.74 19.36 -19.81
CA LYS A 373 -15.91 20.21 -19.99
C LYS A 373 -16.21 20.99 -18.71
N LYS A 374 -16.09 20.31 -17.57
CA LYS A 374 -16.27 20.96 -16.27
C LYS A 374 -15.21 22.04 -16.04
N MET A 375 -13.98 21.79 -16.49
CA MET A 375 -12.91 22.76 -16.37
C MET A 375 -13.21 24.01 -17.19
N GLU A 376 -13.95 23.81 -18.29
CA GLU A 376 -14.33 24.92 -19.16
C GLU A 376 -15.57 25.65 -18.64
N GLU A 377 -16.52 24.89 -18.10
CA GLU A 377 -17.71 25.48 -17.50
C GLU A 377 -17.30 26.34 -16.31
N LEU A 378 -16.57 25.76 -15.37
CA LEU A 378 -15.81 26.55 -14.42
C LEU A 378 -14.84 27.31 -15.30
N LYS A 379 -14.28 28.40 -14.80
CA LYS A 379 -13.45 29.28 -15.63
C LYS A 379 -14.34 30.15 -16.51
N GLU A 380 -15.42 29.57 -17.00
CA GLU A 380 -16.38 30.32 -17.79
C GLU A 380 -17.31 31.11 -16.87
N LYS A 381 -17.78 30.45 -15.81
CA LYS A 381 -18.64 31.11 -14.84
C LYS A 381 -17.82 31.81 -13.76
N GLN A 382 -16.53 31.51 -13.70
CA GLN A 382 -15.62 32.27 -12.87
C GLN A 382 -15.37 33.63 -13.51
N LYS A 383 -15.15 33.63 -14.82
CA LYS A 383 -14.90 34.87 -15.57
C LYS A 383 -16.16 35.70 -15.76
N GLU A 384 -17.30 35.05 -15.95
CA GLU A 384 -18.56 35.75 -16.15
C GLU A 384 -19.01 36.46 -14.86
N PHE A 385 -18.90 35.78 -13.73
CA PHE A 385 -19.26 36.39 -12.45
C PHE A 385 -18.14 37.25 -11.89
N LEU A 386 -17.02 37.34 -12.60
CA LEU A 386 -15.94 38.23 -12.17
C LEU A 386 -16.28 39.67 -12.50
N GLU A 387 -17.53 39.89 -12.87
CA GLU A 387 -18.12 41.21 -13.09
C GLU A 387 -19.53 41.00 -13.63
ZN ZN B . -4.03 13.71 -25.48
N SFG C . 10.29 -4.48 10.25
CA SFG C . 11.40 -3.67 10.72
C SFG C . 10.79 -2.42 11.38
O SFG C . 11.52 -1.73 12.05
OXT SFG C . 9.61 -2.13 11.32
CB SFG C . 12.35 -3.33 9.55
CG SFG C . 13.07 -4.51 8.92
CD SFG C . 14.15 -4.12 7.94
NE SFG C . 13.62 -3.17 6.99
C5' SFG C . 14.65 -5.33 7.14
C4' SFG C . 15.50 -6.34 7.89
O4' SFG C . 15.77 -7.33 6.98
C3' SFG C . 16.87 -5.89 8.33
O3' SFG C . 16.91 -5.90 9.74
C2' SFG C . 17.79 -6.95 7.74
O2' SFG C . 18.67 -7.41 8.68
C1' SFG C . 16.81 -8.04 7.47
N9 SFG C . 17.01 -8.84 6.31
C8 SFG C . 17.33 -8.41 5.14
N7 SFG C . 17.37 -9.40 4.30
C5 SFG C . 17.04 -10.47 4.94
C6 SFG C . 16.89 -11.80 4.60
N6 SFG C . 17.11 -12.22 3.38
N1 SFG C . 16.54 -12.65 5.53
C2 SFG C . 16.32 -12.25 6.74
N3 SFG C . 16.44 -11.00 7.09
C4 SFG C . 16.81 -10.11 6.22
S SO4 D . 11.47 11.20 1.28
O1 SO4 D . 10.87 9.87 1.14
O2 SO4 D . 10.62 12.18 0.61
O3 SO4 D . 11.57 11.54 2.70
O4 SO4 D . 12.80 11.20 0.68
S SO4 E . 15.44 7.17 -5.61
O1 SO4 E . 16.22 6.90 -6.81
O2 SO4 E . 14.18 7.83 -5.97
O3 SO4 E . 15.14 5.91 -4.93
O4 SO4 E . 16.20 8.04 -4.71
S SO4 F . 16.18 2.46 -16.19
O1 SO4 F . 17.43 1.91 -16.69
O2 SO4 F . 15.25 2.65 -17.30
O3 SO4 F . 15.60 1.54 -15.22
O4 SO4 F . 16.44 3.75 -15.55
S SO4 G . 17.82 -20.15 14.13
O1 SO4 G . 16.68 -19.43 13.56
O2 SO4 G . 18.12 -19.61 15.45
O3 SO4 G . 17.46 -21.57 14.25
O4 SO4 G . 18.97 -20.00 13.27
S SO4 H . -8.27 17.21 13.14
O1 SO4 H . -7.93 16.30 12.03
O2 SO4 H . -9.39 16.66 13.89
O3 SO4 H . -7.11 17.35 14.01
O4 SO4 H . -8.64 18.50 12.59
#